data_7IAI
#
_entry.id   7IAI
#
_cell.length_a   42.617
_cell.length_b   42.617
_cell.length_c   217.132
_cell.angle_alpha   90.000
_cell.angle_beta   90.000
_cell.angle_gamma   90.000
#
_symmetry.space_group_name_H-M   'P 43 2 2'
#
loop_
_entity.id
_entity.type
_entity.pdbx_description
1 polymer 'Serine protease subunit NS2B'
2 polymer 'Serine protease NS3'
3 non-polymer 'DIMETHYL SULFOXIDE'
4 non-polymer N-(2,3-dihydro-1H-isoindol-5-yl)thieno[3,2-b]pyridine-2-carboxamide
5 water water
#
loop_
_entity_poly.entity_id
_entity_poly.type
_entity_poly.pdbx_seq_one_letter_code
_entity_poly.pdbx_strand_id
1 'polypeptide(L)' SMGKSVDMYIERAGDITWEKDAEVTGNSPRLDVALDESGDFSLVEE A
2 'polypeptide(L)'
;MKEVKKGETTDGVYRVMTRRLLGSTQVGVGVMQEGVFHTMWHVTKGAALRSGEGRLDPYWGDVKQDLVSYCGPWKLDAAW
DGLSEVQLLAVPPGERAKNIQTLPGIFKTKDGDIGAVALDYPAGTSGSPILDKCGRVIGLYGNGVVIKNGSYVSAITQGK
REEETPVE
;
B
#
loop_
_chem_comp.id
_chem_comp.type
_chem_comp.name
_chem_comp.formula
A1B83 non-polymer N-(2,3-dihydro-1H-isoindol-5-yl)thieno[3,2-b]pyridine-2-carboxamide 'C16 H13 N3 O S'
DMS non-polymer 'DIMETHYL SULFOXIDE' 'C2 H6 O S'
#
# COMPACT_ATOMS: atom_id res chain seq x y z
N ASP A 7 -17.24 10.34 6.00
CA ASP A 7 -17.15 9.20 6.91
C ASP A 7 -16.65 7.97 6.16
N MET A 8 -15.52 7.42 6.58
CA MET A 8 -14.90 6.32 5.86
C MET A 8 -15.32 4.93 6.29
N TYR A 9 -15.45 4.04 5.30
CA TYR A 9 -15.86 2.66 5.48
C TYR A 9 -15.05 1.71 4.62
N ILE A 10 -14.94 0.44 5.04
CA ILE A 10 -14.17 -0.54 4.28
C ILE A 10 -15.06 -1.62 3.64
N GLU A 11 -14.62 -2.18 2.51
CA GLU A 11 -15.37 -3.21 1.78
C GLU A 11 -14.40 -4.29 1.33
N ARG A 12 -14.73 -5.59 1.54
CA ARG A 12 -13.78 -6.63 1.12
C ARG A 12 -13.61 -6.65 -0.39
N ALA A 13 -12.37 -6.81 -0.87
CA ALA A 13 -12.09 -6.84 -2.30
C ALA A 13 -11.37 -8.10 -2.79
N GLY A 14 -10.93 -8.97 -1.88
CA GLY A 14 -10.30 -10.22 -2.28
C GLY A 14 -9.36 -10.84 -1.27
N ASP A 15 -8.82 -12.03 -1.63
CA ASP A 15 -7.84 -12.79 -0.84
C ASP A 15 -6.45 -12.28 -1.22
N ILE A 16 -5.52 -12.34 -0.27
CA ILE A 16 -4.14 -11.96 -0.54
C ILE A 16 -3.37 -13.22 -0.90
N THR A 17 -3.19 -13.45 -2.22
N THR A 17 -3.16 -13.43 -2.21
CA THR A 17 -2.46 -14.60 -2.76
CA THR A 17 -2.53 -14.63 -2.75
C THR A 17 -1.61 -14.21 -3.97
C THR A 17 -1.69 -14.30 -4.02
N TRP A 18 -0.57 -15.00 -4.23
CA TRP A 18 0.25 -14.80 -5.42
C TRP A 18 -0.49 -15.51 -6.59
N GLU A 19 -0.55 -14.87 -7.78
CA GLU A 19 -1.19 -15.49 -8.94
C GLU A 19 -0.13 -15.96 -9.91
N LYS A 20 -0.06 -17.27 -10.18
CA LYS A 20 0.90 -17.79 -11.16
C LYS A 20 0.46 -17.29 -12.54
N ASP A 21 1.40 -16.86 -13.36
CA ASP A 21 1.08 -16.35 -14.70
C ASP A 21 0.17 -15.10 -14.65
N ALA A 22 0.52 -14.15 -13.79
CA ALA A 22 -0.15 -12.86 -13.74
C ALA A 22 0.48 -12.00 -14.87
N GLU A 23 -0.09 -10.84 -15.20
CA GLU A 23 0.50 -9.94 -16.20
C GLU A 23 1.85 -9.39 -15.62
N VAL A 24 2.96 -9.60 -16.33
CA VAL A 24 4.30 -9.16 -15.88
C VAL A 24 4.69 -7.87 -16.60
N THR A 25 4.76 -6.73 -15.90
CA THR A 25 5.10 -5.45 -16.54
C THR A 25 5.92 -4.53 -15.59
N GLY A 26 6.30 -3.34 -16.04
CA GLY A 26 7.05 -2.40 -15.22
C GLY A 26 8.55 -2.56 -15.23
N ASN A 27 9.27 -1.43 -15.20
CA ASN A 27 10.73 -1.40 -15.17
C ASN A 27 11.27 -1.34 -13.69
N SER A 28 12.60 -1.37 -13.49
CA SER A 28 13.26 -1.37 -12.16
C SER A 28 14.25 -0.20 -12.02
N PRO A 29 13.76 1.04 -11.87
CA PRO A 29 14.70 2.19 -11.81
C PRO A 29 15.43 2.34 -10.49
N ARG A 30 16.71 2.75 -10.55
CA ARG A 30 17.53 3.02 -9.37
C ARG A 30 17.59 4.54 -9.22
N LEU A 31 16.87 5.10 -8.24
CA LEU A 31 16.74 6.55 -8.06
C LEU A 31 17.29 7.05 -6.72
N ASP A 32 17.96 8.21 -6.73
CA ASP A 32 18.45 8.85 -5.50
C ASP A 32 17.31 9.69 -4.92
N VAL A 33 16.80 9.32 -3.74
CA VAL A 33 15.66 10.04 -3.16
C VAL A 33 15.96 10.55 -1.74
N ALA A 34 15.14 11.51 -1.28
CA ALA A 34 15.20 12.06 0.07
C ALA A 34 13.77 12.00 0.66
N LEU A 35 13.67 11.74 1.95
CA LEU A 35 12.40 11.64 2.63
C LEU A 35 12.34 12.72 3.72
N ASP A 36 11.36 13.63 3.61
CA ASP A 36 11.25 14.71 4.57
C ASP A 36 10.37 14.32 5.79
N GLU A 37 10.27 15.21 6.77
CA GLU A 37 9.51 15.03 8.01
C GLU A 37 8.00 14.78 7.76
N SER A 38 7.45 15.28 6.63
CA SER A 38 6.04 15.04 6.31
C SER A 38 5.78 13.70 5.57
N GLY A 39 6.81 12.86 5.43
CA GLY A 39 6.66 11.59 4.74
C GLY A 39 6.60 11.70 3.23
N ASP A 40 7.07 12.83 2.67
CA ASP A 40 7.05 13.06 1.23
C ASP A 40 8.44 12.79 0.65
N PHE A 41 8.48 11.95 -0.39
CA PHE A 41 9.71 11.64 -1.11
C PHE A 41 9.95 12.69 -2.17
N SER A 42 11.22 12.93 -2.46
CA SER A 42 11.61 13.84 -3.52
C SER A 42 12.86 13.31 -4.20
N LEU A 43 13.04 13.62 -5.48
CA LEU A 43 14.22 13.17 -6.22
C LEU A 43 15.39 14.12 -5.96
N VAL A 44 16.57 13.55 -5.73
CA VAL A 44 17.81 14.30 -5.56
C VAL A 44 18.59 14.17 -6.87
N GLU A 45 19.00 15.27 -7.51
CA GLU A 45 19.78 15.16 -8.75
C GLU A 45 21.09 15.94 -8.68
N GLY B 7 -17.96 -5.72 12.56
CA GLY B 7 -18.22 -6.04 11.16
C GLY B 7 -17.34 -7.14 10.60
N GLU B 8 -16.87 -6.99 9.35
CA GLU B 8 -16.04 -8.02 8.73
C GLU B 8 -14.58 -7.92 9.14
N THR B 9 -14.09 -8.97 9.79
N THR B 9 -14.09 -8.97 9.79
CA THR B 9 -12.69 -9.00 10.24
CA THR B 9 -12.70 -9.03 10.25
C THR B 9 -11.90 -10.14 9.55
C THR B 9 -11.89 -10.12 9.53
N THR B 10 -12.42 -10.70 8.46
CA THR B 10 -11.75 -11.76 7.72
C THR B 10 -10.48 -11.17 7.08
N ASP B 11 -9.38 -11.92 7.12
CA ASP B 11 -8.15 -11.54 6.44
C ASP B 11 -8.41 -11.28 4.94
N GLY B 12 -7.67 -10.36 4.35
CA GLY B 12 -7.84 -10.01 2.94
C GLY B 12 -7.54 -8.56 2.64
N VAL B 13 -7.75 -8.17 1.36
CA VAL B 13 -7.56 -6.79 0.92
C VAL B 13 -8.92 -6.10 0.86
N TYR B 14 -8.97 -4.84 1.28
CA TYR B 14 -10.23 -4.10 1.40
C TYR B 14 -10.12 -2.72 0.73
N ARG B 15 -11.24 -2.21 0.22
CA ARG B 15 -11.27 -0.85 -0.33
C ARG B 15 -11.62 0.10 0.83
N VAL B 16 -11.04 1.30 0.87
CA VAL B 16 -11.35 2.35 1.83
C VAL B 16 -12.16 3.37 1.03
N MET B 17 -13.40 3.55 1.40
CA MET B 17 -14.36 4.40 0.68
C MET B 17 -14.85 5.58 1.53
N THR B 18 -15.37 6.62 0.88
CA THR B 18 -15.98 7.74 1.58
C THR B 18 -17.26 8.19 0.84
N ARG B 19 -18.28 8.66 1.60
CA ARG B 19 -19.50 9.22 1.01
C ARG B 19 -19.62 10.75 1.19
N ARG B 20 -18.51 11.41 1.56
CA ARG B 20 -18.39 12.83 1.83
C ARG B 20 -18.44 13.62 0.53
N LEU B 21 -17.77 13.10 -0.52
CA LEU B 21 -17.72 13.72 -1.84
C LEU B 21 -18.93 13.27 -2.70
N LEU B 22 -18.91 13.50 -4.04
CA LEU B 22 -19.99 13.06 -4.94
C LEU B 22 -20.06 11.51 -4.91
N GLY B 23 -21.27 10.94 -4.82
CA GLY B 23 -21.45 9.49 -4.73
C GLY B 23 -20.58 8.79 -3.69
N SER B 24 -20.10 7.59 -4.02
CA SER B 24 -19.20 6.83 -3.17
C SER B 24 -17.86 6.85 -3.87
N THR B 25 -16.83 7.38 -3.19
CA THR B 25 -15.51 7.55 -3.78
C THR B 25 -14.47 6.69 -3.07
N GLN B 26 -13.57 6.03 -3.85
CA GLN B 26 -12.53 5.22 -3.24
C GLN B 26 -11.29 6.07 -3.00
N VAL B 27 -10.92 6.23 -1.73
CA VAL B 27 -9.72 7.01 -1.38
C VAL B 27 -8.46 6.16 -1.22
N GLY B 28 -8.64 4.85 -1.01
CA GLY B 28 -7.51 3.96 -0.85
C GLY B 28 -7.89 2.52 -0.66
N VAL B 29 -6.94 1.73 -0.19
CA VAL B 29 -7.02 0.28 0.00
C VAL B 29 -6.27 -0.07 1.31
N GLY B 30 -6.54 -1.22 1.88
CA GLY B 30 -5.85 -1.68 3.08
C GLY B 30 -5.83 -3.19 3.20
N VAL B 31 -5.03 -3.70 4.16
CA VAL B 31 -4.88 -5.13 4.44
C VAL B 31 -5.41 -5.51 5.83
N MET B 32 -6.28 -6.52 5.90
CA MET B 32 -6.75 -7.05 7.16
C MET B 32 -5.94 -8.32 7.43
N GLN B 33 -5.21 -8.35 8.55
CA GLN B 33 -4.42 -9.52 8.93
C GLN B 33 -4.39 -9.60 10.43
N GLU B 34 -4.67 -10.79 10.98
CA GLU B 34 -4.68 -11.03 12.43
C GLU B 34 -5.56 -10.03 13.20
N GLY B 35 -6.71 -9.64 12.63
CA GLY B 35 -7.64 -8.73 13.29
C GLY B 35 -7.25 -7.26 13.30
N VAL B 36 -6.20 -6.90 12.54
CA VAL B 36 -5.66 -5.55 12.43
C VAL B 36 -5.79 -5.04 10.98
N PHE B 37 -6.31 -3.82 10.80
CA PHE B 37 -6.42 -3.23 9.47
C PHE B 37 -5.22 -2.32 9.25
N HIS B 38 -4.51 -2.49 8.13
CA HIS B 38 -3.29 -1.77 7.80
C HIS B 38 -3.49 -0.94 6.55
N THR B 39 -3.17 0.38 6.61
CA THR B 39 -3.27 1.20 5.39
C THR B 39 -2.18 2.31 5.41
N MET B 40 -2.18 3.21 4.41
CA MET B 40 -1.26 4.33 4.39
C MET B 40 -1.90 5.51 5.12
N TRP B 41 -1.10 6.26 5.90
CA TRP B 41 -1.60 7.39 6.68
CA TRP B 41 -1.58 7.39 6.67
C TRP B 41 -2.34 8.41 5.80
N HIS B 42 -1.81 8.72 4.60
CA HIS B 42 -2.45 9.72 3.74
C HIS B 42 -3.84 9.31 3.21
N VAL B 43 -4.21 8.02 3.32
CA VAL B 43 -5.51 7.57 2.89
C VAL B 43 -6.58 8.03 3.89
N THR B 44 -6.36 7.76 5.20
CA THR B 44 -7.36 8.06 6.22
C THR B 44 -7.11 9.29 7.06
N LYS B 45 -5.87 9.80 7.08
CA LYS B 45 -5.40 10.89 7.94
C LYS B 45 -5.61 10.54 9.44
N GLY B 46 -5.58 9.26 9.79
CA GLY B 46 -5.79 8.80 11.15
C GLY B 46 -7.22 8.78 11.63
N ALA B 47 -8.20 9.05 10.75
CA ALA B 47 -9.62 9.04 11.17
C ALA B 47 -10.15 7.63 11.41
N ALA B 48 -11.23 7.50 12.20
CA ALA B 48 -11.88 6.21 12.45
C ALA B 48 -12.48 5.65 11.15
N LEU B 49 -12.69 4.33 11.11
CA LEU B 49 -13.28 3.65 9.95
C LEU B 49 -14.53 2.86 10.39
N ARG B 50 -15.38 2.56 9.45
CA ARG B 50 -16.58 1.80 9.68
C ARG B 50 -16.51 0.49 8.87
N SER B 51 -16.93 -0.62 9.46
CA SER B 51 -16.98 -1.90 8.75
C SER B 51 -18.36 -2.45 9.06
N GLY B 52 -19.33 -2.14 8.21
CA GLY B 52 -20.72 -2.52 8.48
C GLY B 52 -21.24 -1.67 9.63
N GLU B 53 -21.65 -2.30 10.72
CA GLU B 53 -22.08 -1.58 11.92
C GLU B 53 -20.93 -1.33 12.94
N GLY B 54 -19.79 -1.99 12.74
CA GLY B 54 -18.65 -1.89 13.64
C GLY B 54 -17.75 -0.71 13.39
N ARG B 55 -17.05 -0.26 14.43
CA ARG B 55 -16.13 0.86 14.31
C ARG B 55 -14.68 0.35 14.45
N LEU B 56 -13.77 0.86 13.65
CA LEU B 56 -12.36 0.52 13.74
C LEU B 56 -11.65 1.79 14.23
N ASP B 57 -11.00 1.74 15.38
CA ASP B 57 -10.28 2.90 15.90
C ASP B 57 -8.77 2.79 15.59
N PRO B 58 -8.12 3.92 15.26
CA PRO B 58 -6.66 3.86 15.03
C PRO B 58 -5.92 3.40 16.28
N TYR B 59 -4.81 2.69 16.11
CA TYR B 59 -4.05 2.16 17.22
C TYR B 59 -2.61 2.70 17.19
N TRP B 60 -2.01 2.73 16.03
CA TRP B 60 -0.63 3.22 15.83
C TRP B 60 -0.56 3.95 14.50
N GLY B 61 0.24 5.00 14.43
CA GLY B 61 0.42 5.71 13.15
C GLY B 61 1.65 6.57 13.13
N ASP B 62 2.16 6.91 11.95
CA ASP B 62 3.35 7.73 11.81
C ASP B 62 3.30 8.38 10.43
N VAL B 63 3.25 9.72 10.39
CA VAL B 63 3.19 10.51 9.13
C VAL B 63 4.45 10.33 8.32
N LYS B 64 5.64 10.14 8.97
CA LYS B 64 6.88 10.01 8.17
C LYS B 64 6.96 8.65 7.47
N GLN B 65 6.61 7.56 8.15
CA GLN B 65 6.54 6.25 7.54
C GLN B 65 5.33 6.18 6.56
N ASP B 66 4.28 7.02 6.79
CA ASP B 66 3.02 7.12 6.05
C ASP B 66 2.25 5.84 6.19
N LEU B 67 2.18 5.33 7.46
CA LEU B 67 1.50 4.09 7.78
C LEU B 67 0.58 4.26 8.98
N VAL B 68 -0.47 3.44 9.06
CA VAL B 68 -1.42 3.47 10.18
C VAL B 68 -2.04 2.07 10.35
N SER B 69 -2.26 1.65 11.59
CA SER B 69 -2.88 0.37 11.91
C SER B 69 -4.11 0.61 12.79
N TYR B 70 -5.10 -0.23 12.66
CA TYR B 70 -6.37 -0.09 13.36
C TYR B 70 -6.64 -1.37 14.15
N CYS B 71 -7.18 -1.26 15.39
CA CYS B 71 -7.56 -2.38 16.27
C CYS B 71 -6.39 -3.07 16.97
N GLY B 72 -5.16 -2.78 16.56
CA GLY B 72 -4.00 -3.41 17.17
C GLY B 72 -2.72 -2.97 16.51
N PRO B 73 -1.56 -3.43 17.05
CA PRO B 73 -0.28 -3.03 16.47
C PRO B 73 -0.03 -3.58 15.06
N TRP B 74 0.91 -2.94 14.33
CA TRP B 74 1.30 -3.36 12.98
C TRP B 74 1.76 -4.83 12.97
N LYS B 75 1.15 -5.68 12.09
CA LYS B 75 1.43 -7.13 12.04
C LYS B 75 2.31 -7.61 10.90
N LEU B 76 2.45 -6.80 9.85
CA LEU B 76 3.16 -7.18 8.63
C LEU B 76 4.66 -7.00 8.78
N ASP B 77 5.44 -8.09 8.70
CA ASP B 77 6.89 -7.99 8.87
C ASP B 77 7.73 -8.61 7.74
N ALA B 78 7.11 -9.18 6.71
CA ALA B 78 7.85 -9.76 5.59
C ALA B 78 8.61 -8.65 4.83
N ALA B 79 9.76 -8.99 4.26
CA ALA B 79 10.59 -8.02 3.55
C ALA B 79 10.97 -8.47 2.15
N TRP B 80 11.11 -7.52 1.20
CA TRP B 80 11.56 -7.84 -0.16
C TRP B 80 12.98 -8.41 -0.05
N ASP B 81 13.30 -9.50 -0.78
CA ASP B 81 14.63 -10.11 -0.65
C ASP B 81 15.74 -9.40 -1.44
N GLY B 82 15.40 -8.32 -2.13
CA GLY B 82 16.36 -7.56 -2.93
C GLY B 82 16.72 -8.19 -4.25
N LEU B 83 16.10 -9.34 -4.61
CA LEU B 83 16.43 -10.05 -5.83
C LEU B 83 15.25 -10.43 -6.70
N SER B 84 14.18 -10.97 -6.08
CA SER B 84 13.05 -11.57 -6.78
C SER B 84 11.97 -10.61 -7.24
N GLU B 85 11.18 -11.06 -8.22
CA GLU B 85 10.01 -10.33 -8.68
C GLU B 85 8.95 -10.43 -7.56
N VAL B 86 8.04 -9.49 -7.58
CA VAL B 86 6.98 -9.36 -6.60
C VAL B 86 5.69 -9.12 -7.37
N GLN B 87 4.54 -9.16 -6.67
CA GLN B 87 3.28 -8.84 -7.28
C GLN B 87 2.58 -7.73 -6.51
N LEU B 88 2.12 -6.71 -7.24
CA LEU B 88 1.31 -5.67 -6.68
C LEU B 88 -0.11 -6.23 -6.81
N LEU B 89 -0.86 -6.29 -5.69
CA LEU B 89 -2.24 -6.72 -5.73
C LEU B 89 -3.04 -5.42 -5.77
N ALA B 90 -3.15 -4.87 -7.00
CA ALA B 90 -3.83 -3.61 -7.27
C ALA B 90 -5.32 -3.71 -7.12
N VAL B 91 -5.93 -2.80 -6.34
CA VAL B 91 -7.38 -2.73 -6.18
C VAL B 91 -7.80 -1.32 -6.67
N PRO B 92 -7.88 -1.11 -8.02
CA PRO B 92 -8.20 0.23 -8.54
C PRO B 92 -9.64 0.64 -8.31
N PRO B 93 -9.94 1.94 -8.22
CA PRO B 93 -11.33 2.35 -7.99
C PRO B 93 -12.31 1.81 -9.04
N GLY B 94 -13.39 1.21 -8.58
CA GLY B 94 -14.43 0.65 -9.43
C GLY B 94 -14.03 -0.55 -10.27
N GLU B 95 -12.81 -1.05 -10.09
CA GLU B 95 -12.31 -2.19 -10.87
C GLU B 95 -11.94 -3.34 -9.94
N ARG B 96 -11.97 -4.57 -10.47
CA ARG B 96 -11.68 -5.79 -9.73
C ARG B 96 -10.23 -5.85 -9.27
N ALA B 97 -9.93 -6.53 -8.13
CA ALA B 97 -8.57 -6.75 -7.63
C ALA B 97 -7.77 -7.50 -8.72
N LYS B 98 -6.54 -7.08 -8.98
CA LYS B 98 -5.74 -7.65 -10.05
C LYS B 98 -4.26 -7.74 -9.65
N ASN B 99 -3.63 -8.91 -9.83
CA ASN B 99 -2.21 -9.10 -9.53
C ASN B 99 -1.35 -8.68 -10.71
N ILE B 100 -0.31 -7.91 -10.46
CA ILE B 100 0.61 -7.48 -11.50
C ILE B 100 2.04 -7.78 -11.02
N GLN B 101 2.75 -8.65 -11.72
CA GLN B 101 4.11 -9.02 -11.36
C GLN B 101 5.10 -8.06 -11.95
N THR B 102 6.14 -7.69 -11.18
CA THR B 102 7.17 -6.76 -11.60
C THR B 102 8.46 -7.00 -10.84
N LEU B 103 9.60 -6.54 -11.38
CA LEU B 103 10.86 -6.59 -10.63
C LEU B 103 11.07 -5.18 -10.08
N PRO B 104 11.18 -5.06 -8.75
CA PRO B 104 11.36 -3.73 -8.18
C PRO B 104 12.72 -3.13 -8.44
N GLY B 105 12.72 -1.82 -8.58
CA GLY B 105 13.90 -1.00 -8.61
C GLY B 105 14.27 -0.65 -7.17
N ILE B 106 15.11 0.39 -6.99
CA ILE B 106 15.65 0.80 -5.70
C ILE B 106 15.53 2.31 -5.47
N PHE B 107 15.12 2.71 -4.27
CA PHE B 107 15.16 4.09 -3.82
C PHE B 107 16.43 4.11 -2.96
N LYS B 108 17.45 4.90 -3.33
CA LYS B 108 18.67 5.00 -2.52
C LYS B 108 18.55 6.26 -1.68
N THR B 109 18.59 6.13 -0.35
CA THR B 109 18.47 7.26 0.59
C THR B 109 19.69 7.35 1.53
N LYS B 110 19.84 8.48 2.25
CA LYS B 110 20.91 8.68 3.22
C LYS B 110 20.83 7.69 4.41
N ASP B 111 19.66 7.05 4.60
CA ASP B 111 19.43 6.08 5.67
C ASP B 111 19.27 4.65 5.16
N GLY B 112 19.67 4.36 3.92
CA GLY B 112 19.55 3.02 3.37
C GLY B 112 18.67 2.89 2.15
N ASP B 113 18.75 1.74 1.48
CA ASP B 113 17.98 1.44 0.28
C ASP B 113 16.63 0.82 0.62
N ILE B 114 15.64 1.09 -0.24
CA ILE B 114 14.27 0.60 -0.12
C ILE B 114 13.84 0.13 -1.52
N GLY B 115 13.04 -0.93 -1.60
CA GLY B 115 12.52 -1.39 -2.89
C GLY B 115 11.55 -0.36 -3.44
N ALA B 116 11.38 -0.36 -4.77
CA ALA B 116 10.45 0.58 -5.41
C ALA B 116 9.76 -0.06 -6.60
N VAL B 117 8.45 0.14 -6.73
CA VAL B 117 7.71 -0.43 -7.86
CA VAL B 117 7.66 -0.42 -7.82
C VAL B 117 7.27 0.67 -8.84
N ALA B 118 7.59 0.45 -10.15
CA ALA B 118 7.27 1.39 -11.22
C ALA B 118 6.04 0.91 -11.97
N LEU B 119 4.88 1.16 -11.36
CA LEU B 119 3.60 0.80 -11.91
C LEU B 119 2.69 2.01 -11.64
N ASP B 120 1.88 2.42 -12.64
CA ASP B 120 1.03 3.60 -12.45
C ASP B 120 -0.44 3.26 -12.34
N TYR B 121 -1.06 3.67 -11.23
CA TYR B 121 -2.48 3.42 -10.98
C TYR B 121 -3.13 4.69 -10.42
N PRO B 122 -4.47 4.84 -10.41
CA PRO B 122 -5.06 6.05 -9.79
C PRO B 122 -4.58 6.25 -8.33
N ALA B 123 -4.60 7.49 -7.83
CA ALA B 123 -4.19 7.77 -6.45
C ALA B 123 -5.03 6.99 -5.43
N GLY B 124 -6.28 6.66 -5.78
CA GLY B 124 -7.19 5.87 -4.95
C GLY B 124 -6.81 4.40 -4.81
N THR B 125 -5.71 3.98 -5.45
CA THR B 125 -5.17 2.63 -5.31
C THR B 125 -4.16 2.55 -4.10
N SER B 126 -3.77 3.70 -3.49
CA SER B 126 -2.81 3.77 -2.35
C SER B 126 -3.26 2.87 -1.18
N GLY B 127 -2.36 2.03 -0.67
CA GLY B 127 -2.63 1.06 0.38
C GLY B 127 -2.67 -0.39 -0.12
N SER B 128 -2.68 -0.58 -1.46
CA SER B 128 -2.67 -1.89 -2.11
C SER B 128 -1.39 -2.64 -1.73
N PRO B 129 -1.52 -3.91 -1.30
CA PRO B 129 -0.34 -4.64 -0.85
C PRO B 129 0.54 -5.17 -1.97
N ILE B 130 1.83 -5.30 -1.66
CA ILE B 130 2.86 -5.87 -2.51
C ILE B 130 3.24 -7.18 -1.85
N LEU B 131 3.26 -8.26 -2.64
CA LEU B 131 3.47 -9.61 -2.14
C LEU B 131 4.73 -10.31 -2.60
N ASP B 132 5.21 -11.24 -1.77
CA ASP B 132 6.30 -12.12 -2.19
C ASP B 132 5.66 -13.43 -2.78
N LYS B 133 6.51 -14.36 -3.25
CA LYS B 133 6.04 -15.60 -3.87
C LYS B 133 5.29 -16.51 -2.90
N CYS B 134 5.47 -16.33 -1.58
CA CYS B 134 4.69 -17.09 -0.60
C CYS B 134 3.34 -16.43 -0.28
N GLY B 135 3.04 -15.29 -0.89
CA GLY B 135 1.80 -14.57 -0.60
C GLY B 135 1.92 -13.61 0.58
N ARG B 136 3.11 -13.48 1.19
CA ARG B 136 3.32 -12.59 2.34
C ARG B 136 3.39 -11.13 1.93
N VAL B 137 2.80 -10.23 2.74
CA VAL B 137 2.79 -8.81 2.44
C VAL B 137 4.11 -8.19 2.87
N ILE B 138 4.91 -7.79 1.89
CA ILE B 138 6.21 -7.17 2.12
C ILE B 138 6.16 -5.63 2.14
N GLY B 139 4.97 -5.04 1.94
CA GLY B 139 4.82 -3.58 1.98
C GLY B 139 3.57 -3.10 1.29
N LEU B 140 3.28 -1.79 1.39
CA LEU B 140 2.11 -1.17 0.76
C LEU B 140 2.57 -0.15 -0.28
N TYR B 141 1.75 0.00 -1.34
CA TYR B 141 1.96 0.86 -2.51
C TYR B 141 1.25 2.19 -2.33
N GLY B 142 1.85 3.28 -2.77
CA GLY B 142 1.17 4.58 -2.71
C GLY B 142 1.98 5.78 -2.26
N ASN B 143 3.23 5.56 -1.81
CA ASN B 143 4.07 6.68 -1.41
C ASN B 143 5.40 6.64 -2.17
N GLY B 144 5.62 7.61 -3.02
CA GLY B 144 6.81 7.65 -3.84
C GLY B 144 7.04 8.97 -4.52
N VAL B 145 7.49 8.88 -5.77
CA VAL B 145 7.91 10.06 -6.49
C VAL B 145 7.45 10.08 -7.97
N VAL B 146 7.40 11.28 -8.55
CA VAL B 146 7.02 11.49 -9.94
C VAL B 146 8.28 11.69 -10.74
N ILE B 147 8.40 10.96 -11.84
CA ILE B 147 9.61 11.03 -12.68
C ILE B 147 9.42 11.97 -13.91
N LYS B 148 10.47 12.16 -14.74
CA LYS B 148 10.49 13.05 -15.91
C LYS B 148 9.21 13.10 -16.78
N ASN B 149 8.64 11.93 -17.13
CA ASN B 149 7.45 11.89 -17.99
C ASN B 149 6.10 12.08 -17.26
N GLY B 150 6.13 12.30 -15.95
CA GLY B 150 4.90 12.51 -15.19
C GLY B 150 4.34 11.24 -14.54
N SER B 151 5.00 10.08 -14.76
CA SER B 151 4.56 8.82 -14.17
CA SER B 151 4.56 8.82 -14.17
C SER B 151 5.05 8.67 -12.73
N TYR B 152 4.48 7.70 -11.96
CA TYR B 152 4.84 7.48 -10.54
C TYR B 152 5.67 6.21 -10.30
N VAL B 153 6.59 6.30 -9.32
CA VAL B 153 7.37 5.17 -8.82
C VAL B 153 7.16 5.12 -7.29
N SER B 154 6.46 4.11 -6.80
CA SER B 154 6.16 4.01 -5.36
C SER B 154 7.22 3.22 -4.61
N ALA B 155 7.46 3.56 -3.35
CA ALA B 155 8.33 2.79 -2.48
C ALA B 155 7.56 1.53 -2.05
N ILE B 156 8.29 0.48 -1.66
CA ILE B 156 7.65 -0.68 -1.03
C ILE B 156 7.69 -0.30 0.47
N THR B 157 6.62 0.34 0.97
CA THR B 157 6.60 0.82 2.34
C THR B 157 6.19 -0.26 3.35
N GLN B 158 7.11 -0.64 4.25
CA GLN B 158 6.79 -1.65 5.25
C GLN B 158 6.90 -1.06 6.68
N GLY B 159 6.09 -1.55 7.61
CA GLY B 159 6.16 -1.14 9.00
C GLY B 159 7.02 -2.08 9.82
N LYS B 160 7.08 -1.84 11.12
CA LYS B 160 7.84 -2.71 12.03
C LYS B 160 6.87 -3.45 12.95
N ARG B 161 7.03 -4.77 13.09
CA ARG B 161 6.18 -5.55 13.98
C ARG B 161 6.90 -5.59 15.33
N GLU B 162 6.35 -4.88 16.32
CA GLU B 162 6.90 -4.79 17.66
C GLU B 162 6.86 -6.13 18.39
S DMS C . -8.88 13.12 12.17
O DMS C . -8.24 11.89 12.70
C1 DMS C . -10.67 12.85 12.13
C2 DMS C . -8.73 13.13 10.37
N1 A1B83 D . 0.64 10.07 -2.42
N3 A1B83 D . -0.09 6.50 -6.46
C4 A1B83 D . 0.05 12.40 0.38
C5 A1B83 D . 1.12 12.06 1.21
C6 A1B83 D . 1.99 11.04 0.86
C7 A1B83 D . 1.84 10.35 -0.33
C8 A1B83 D . 3.00 10.84 1.96
C10 A1B83 D . 0.12 9.72 -4.75
C13 A1B83 D . -0.06 6.23 -7.79
C15 A1B83 D . 0.05 8.52 -8.42
O1 A1B83 D . 0.07 11.83 -3.75
C1 A1B83 D . 0.25 10.64 -3.59
C2 A1B83 D . 0.76 10.70 -1.17
C3 A1B83 D . -0.09 11.74 -0.83
N2 A1B83 D . 2.88 12.12 2.68
C9 A1B83 D . 1.49 12.59 2.56
C11 A1B83 D . -0.01 8.36 -4.75
C12 A1B83 D . -0.02 7.83 -6.11
C14 A1B83 D . 0.01 7.20 -8.77
C16 A1B83 D . 0.03 8.84 -7.07
S1 A1B83 D . 0.15 10.41 -6.35
#